data_9BZR
#
_entry.id   9BZR
#
_cell.length_a   75.255
_cell.length_b   41.914
_cell.length_c   78.053
_cell.angle_alpha   90.000
_cell.angle_beta   116.960
_cell.angle_gamma   90.000
#
_symmetry.space_group_name_H-M   'C 1 2 1'
#
loop_
_entity.id
_entity.type
_entity.pdbx_description
1 polymer 'class A Beta-lactamase, PenP superfamily'
2 non-polymer 'MALONIC ACID'
3 non-polymer N-(2-HYDROXY-4-OXO-BUTYL)-N-(3-OXO-TRANSPROPENYL)AMINE
4 non-polymer 'CHLORIDE ION'
5 water water
#
_entity_poly.entity_id   1
_entity_poly.type   'polypeptide(L)'
_entity_poly.pdbx_seq_one_letter_code
;SNAAAQAQRQLALLEQRHGVRLGVQVHDRDSDRAFSHRADERFPMCSTFKLLAAGAVLARADRGDDSLRRLIRYGAADIV
AYSPVTGPRQAEGMTLEQLCEAAVTRSDNTAGNLLLSTLGGPPGLTAYARGLGDRMTRLDRIETALNEARPGDPRDTTTP
AAMAGNLQRLLLGDALQSASRQRLADWLLASQTGDTRLRAGLPAGWRIGDKTGAGGHGTNNDIGVIWPRDGAPVLISAYL
TQSSASREAQNAVLAEVGRIAAHAVAAWRLGS
;
_entity_poly.pdbx_strand_id   A
#
loop_
_chem_comp.id
_chem_comp.type
_chem_comp.name
_chem_comp.formula
CL non-polymer 'CHLORIDE ION' 'Cl -1'
MLA non-polymer 'MALONIC ACID' 'C3 H4 O4'
TEM non-polymer N-(2-HYDROXY-4-OXO-BUTYL)-N-(3-OXO-TRANSPROPENYL)AMINE 'C7 H11 N O3'
#
# COMPACT_ATOMS: atom_id res chain seq x y z
N ASN A 2 -15.73 -9.98 22.03
CA ASN A 2 -15.75 -10.31 20.60
C ASN A 2 -14.41 -10.01 19.94
N ALA A 3 -14.20 -10.63 18.78
CA ALA A 3 -12.87 -10.61 18.14
C ALA A 3 -12.45 -9.21 17.73
N ALA A 4 -13.39 -8.38 17.25
CA ALA A 4 -13.01 -7.04 16.82
C ALA A 4 -12.57 -6.20 18.01
N ALA A 5 -13.27 -6.30 19.13
CA ALA A 5 -12.87 -5.55 20.31
C ALA A 5 -11.54 -6.04 20.85
N GLN A 6 -11.32 -7.36 20.86
CA GLN A 6 -10.04 -7.90 21.27
C GLN A 6 -8.91 -7.35 20.40
N ALA A 7 -9.11 -7.31 19.08
CA ALA A 7 -8.08 -6.79 18.19
C ALA A 7 -7.77 -5.33 18.49
N GLN A 8 -8.81 -4.52 18.71
CA GLN A 8 -8.60 -3.11 19.00
C GLN A 8 -7.87 -2.92 20.32
N ARG A 9 -8.22 -3.71 21.34
N ARG A 9 -8.21 -3.74 21.33
CA ARG A 9 -7.48 -3.64 22.60
CA ARG A 9 -7.48 -3.73 22.60
C ARG A 9 -6.00 -3.95 22.39
C ARG A 9 -6.00 -4.02 22.38
N GLN A 10 -5.68 -4.99 21.62
N GLN A 10 -5.68 -5.04 21.58
CA GLN A 10 -4.29 -5.36 21.41
CA GLN A 10 -4.28 -5.40 21.36
C GLN A 10 -3.54 -4.27 20.63
C GLN A 10 -3.53 -4.30 20.62
N LEU A 11 -4.20 -3.63 19.67
CA LEU A 11 -3.55 -2.54 18.94
C LEU A 11 -3.22 -1.37 19.86
N ALA A 12 -4.12 -1.06 20.81
CA ALA A 12 -3.85 0.00 21.77
C ALA A 12 -2.61 -0.32 22.59
N LEU A 13 -2.49 -1.57 23.05
CA LEU A 13 -1.34 -1.98 23.86
C LEU A 13 -0.06 -1.96 23.04
N LEU A 14 -0.12 -2.48 21.81
CA LEU A 14 1.04 -2.49 20.92
C LEU A 14 1.56 -1.07 20.68
N GLU A 15 0.64 -0.14 20.41
CA GLU A 15 1.04 1.23 20.12
C GLU A 15 1.72 1.87 21.33
N GLN A 16 1.20 1.62 22.52
CA GLN A 16 1.75 2.24 23.72
C GLN A 16 3.10 1.63 24.08
N ARG A 17 3.25 0.31 23.91
CA ARG A 17 4.53 -0.35 24.21
C ARG A 17 5.67 0.25 23.41
N HIS A 18 5.40 0.76 22.22
CA HIS A 18 6.46 1.17 21.30
C HIS A 18 6.55 2.68 21.09
N GLY A 19 5.65 3.46 21.71
CA GLY A 19 5.71 4.90 21.59
C GLY A 19 5.50 5.44 20.19
N VAL A 20 4.73 4.73 19.37
CA VAL A 20 4.50 5.10 17.98
C VAL A 20 3.09 5.66 17.82
N ARG A 21 2.82 6.20 16.65
CA ARG A 21 1.45 6.45 16.22
C ARG A 21 1.13 5.40 15.15
N LEU A 22 0.07 4.63 15.40
CA LEU A 22 -0.28 3.49 14.59
C LEU A 22 -1.68 3.67 14.03
N GLY A 23 -1.84 3.48 12.73
CA GLY A 23 -3.14 3.56 12.10
C GLY A 23 -3.46 2.29 11.34
N VAL A 24 -4.58 1.65 11.67
CA VAL A 24 -4.92 0.36 11.10
C VAL A 24 -6.39 0.32 10.75
N GLN A 25 -6.71 -0.20 9.56
CA GLN A 25 -8.07 -0.56 9.18
C GLN A 25 -8.06 -1.98 8.62
N VAL A 26 -8.94 -2.83 9.14
CA VAL A 26 -9.13 -4.17 8.63
C VAL A 26 -10.59 -4.36 8.29
N HIS A 27 -10.87 -4.93 7.13
CA HIS A 27 -12.24 -5.23 6.74
C HIS A 27 -12.27 -6.60 6.08
N ASP A 28 -12.99 -7.53 6.69
CA ASP A 28 -13.10 -8.90 6.19
C ASP A 28 -14.34 -9.00 5.30
N ARG A 29 -14.13 -9.30 4.01
CA ARG A 29 -15.27 -9.44 3.10
C ARG A 29 -16.13 -10.66 3.43
N ASP A 30 -15.56 -11.66 4.11
CA ASP A 30 -16.30 -12.88 4.39
C ASP A 30 -17.41 -12.64 5.42
N SER A 31 -17.02 -12.15 6.60
CA SER A 31 -17.96 -11.87 7.67
C SER A 31 -18.53 -10.46 7.62
N ASP A 32 -17.98 -9.60 6.77
CA ASP A 32 -18.35 -8.18 6.68
C ASP A 32 -17.98 -7.41 7.95
N ARG A 33 -17.14 -7.98 8.81
N ARG A 33 -17.13 -7.98 8.80
CA ARG A 33 -16.73 -7.33 10.03
CA ARG A 33 -16.73 -7.30 10.02
C ARG A 33 -15.44 -6.52 9.81
C ARG A 33 -15.45 -6.50 9.79
N ALA A 34 -15.23 -5.53 10.68
CA ALA A 34 -14.10 -4.62 10.54
C ALA A 34 -13.61 -4.24 11.93
N PHE A 35 -12.35 -3.83 12.00
CA PHE A 35 -11.82 -3.22 13.21
C PHE A 35 -10.81 -2.16 12.82
N SER A 36 -10.54 -1.24 13.75
CA SER A 36 -9.70 -0.12 13.36
C SER A 36 -9.03 0.52 14.56
N HIS A 37 -7.96 1.25 14.27
CA HIS A 37 -7.24 2.05 15.26
C HIS A 37 -6.73 3.28 14.54
N ARG A 38 -7.18 4.46 14.97
CA ARG A 38 -6.82 5.73 14.35
C ARG A 38 -7.05 5.71 12.84
N ALA A 39 -8.13 5.03 12.41
CA ALA A 39 -8.32 4.78 10.99
C ALA A 39 -8.70 6.04 10.20
N ASP A 40 -9.16 7.10 10.86
CA ASP A 40 -9.49 8.34 10.16
C ASP A 40 -8.44 9.44 10.36
N GLU A 41 -7.32 9.13 11.00
CA GLU A 41 -6.22 10.08 11.12
C GLU A 41 -5.31 10.04 9.87
N ARG A 42 -4.63 11.17 9.62
CA ARG A 42 -3.73 11.25 8.47
C ARG A 42 -2.37 10.63 8.79
N PHE A 43 -1.84 9.89 7.82
CA PHE A 43 -0.53 9.23 7.91
C PHE A 43 0.17 9.43 6.58
N PRO A 44 1.50 9.57 6.60
CA PRO A 44 2.25 9.72 5.34
C PRO A 44 2.14 8.45 4.51
N MET A 45 1.86 8.63 3.21
CA MET A 45 1.71 7.47 2.33
C MET A 45 3.04 6.78 2.05
N CYS A 46 4.10 7.57 1.85
CA CYS A 46 5.34 7.05 1.28
C CYS A 46 5.03 6.20 0.06
N SER A 47 5.68 5.05 -0.09
CA SER A 47 5.51 4.26 -1.32
C SER A 47 4.13 3.68 -1.53
N THR A 48 3.25 3.71 -0.52
CA THR A 48 1.91 3.17 -0.74
C THR A 48 1.13 3.91 -1.82
N PHE A 49 1.53 5.14 -2.19
CA PHE A 49 0.87 5.84 -3.27
C PHE A 49 0.98 5.07 -4.58
N LYS A 50 2.01 4.23 -4.71
CA LYS A 50 2.25 3.50 -5.95
C LYS A 50 1.13 2.54 -6.27
N LEU A 51 0.36 2.10 -5.28
CA LEU A 51 -0.82 1.29 -5.57
C LEU A 51 -1.83 2.10 -6.39
N LEU A 52 -2.08 3.35 -5.98
CA LEU A 52 -3.02 4.20 -6.70
C LEU A 52 -2.48 4.60 -8.07
N ALA A 53 -1.18 4.89 -8.15
CA ALA A 53 -0.61 5.30 -9.43
C ALA A 53 -0.72 4.18 -10.44
N ALA A 54 -0.45 2.94 -10.02
CA ALA A 54 -0.59 1.82 -10.93
C ALA A 54 -2.05 1.62 -11.33
N GLY A 55 -2.96 1.73 -10.37
CA GLY A 55 -4.38 1.66 -10.69
C GLY A 55 -4.82 2.71 -11.70
N ALA A 56 -4.36 3.96 -11.52
CA ALA A 56 -4.73 5.03 -12.44
C ALA A 56 -4.20 4.76 -13.86
N VAL A 57 -2.96 4.28 -13.98
CA VAL A 57 -2.42 3.96 -15.29
C VAL A 57 -3.14 2.77 -15.91
N LEU A 58 -3.43 1.73 -15.10
CA LEU A 58 -4.20 0.60 -15.62
C LEU A 58 -5.57 1.05 -16.11
N ALA A 59 -6.21 1.97 -15.38
CA ALA A 59 -7.53 2.45 -15.78
C ALA A 59 -7.46 3.22 -17.09
N ARG A 60 -6.41 4.00 -17.28
CA ARG A 60 -6.21 4.67 -18.58
C ARG A 60 -6.05 3.65 -19.69
N ALA A 61 -5.25 2.60 -19.46
CA ALA A 61 -5.09 1.58 -20.48
C ALA A 61 -6.40 0.87 -20.79
N ASP A 62 -7.22 0.62 -19.76
CA ASP A 62 -8.53 0.02 -19.98
C ASP A 62 -9.37 0.83 -20.96
N ARG A 63 -9.24 2.15 -20.94
CA ARG A 63 -10.02 3.05 -21.78
C ARG A 63 -9.36 3.35 -23.12
N GLY A 64 -8.15 2.88 -23.35
CA GLY A 64 -7.41 3.31 -24.51
C GLY A 64 -6.81 4.69 -24.38
N ASP A 65 -6.90 5.32 -23.21
CA ASP A 65 -6.29 6.61 -22.99
C ASP A 65 -4.77 6.53 -22.90
N ASP A 66 -4.23 5.32 -22.72
CA ASP A 66 -2.80 5.06 -22.83
C ASP A 66 -2.64 3.59 -23.19
N SER A 67 -1.40 3.16 -23.43
CA SER A 67 -1.12 1.79 -23.80
C SER A 67 -0.04 1.22 -22.89
N LEU A 68 -0.32 0.06 -22.29
CA LEU A 68 0.67 -0.60 -21.44
C LEU A 68 1.94 -0.96 -22.20
N ARG A 69 1.87 -1.08 -23.52
CA ARG A 69 3.03 -1.41 -24.34
C ARG A 69 3.85 -0.19 -24.75
N ARG A 70 3.43 1.02 -24.40
CA ARG A 70 4.17 2.21 -24.79
C ARG A 70 5.52 2.27 -24.05
N LEU A 71 6.59 2.43 -24.82
CA LEU A 71 7.94 2.47 -24.25
C LEU A 71 8.26 3.88 -23.77
N ILE A 72 8.66 4.02 -22.52
N ILE A 72 8.65 4.00 -22.50
CA ILE A 72 8.97 5.31 -21.93
CA ILE A 72 9.00 5.26 -21.88
C ILE A 72 10.47 5.41 -21.74
C ILE A 72 10.51 5.35 -21.81
N ARG A 73 11.08 6.46 -22.30
CA ARG A 73 12.49 6.72 -22.16
C ARG A 73 12.70 7.80 -21.10
N TYR A 74 13.78 7.68 -20.33
CA TYR A 74 14.04 8.59 -19.25
C TYR A 74 15.55 8.72 -19.07
N GLY A 75 15.96 9.77 -18.37
CA GLY A 75 17.35 10.14 -18.31
C GLY A 75 18.04 9.76 -17.01
N ALA A 76 19.38 9.74 -17.06
CA ALA A 76 20.16 9.43 -15.87
C ALA A 76 19.86 10.39 -14.72
N ALA A 77 19.56 11.65 -15.04
CA ALA A 77 19.25 12.62 -14.00
C ALA A 77 17.87 12.38 -13.37
N ASP A 78 17.01 11.60 -14.01
CA ASP A 78 15.68 11.30 -13.48
C ASP A 78 15.69 10.20 -12.44
N ILE A 79 16.79 9.48 -12.29
CA ILE A 79 16.87 8.33 -11.40
C ILE A 79 17.03 8.81 -9.96
N VAL A 80 16.04 8.54 -9.14
CA VAL A 80 16.09 8.87 -7.74
C VAL A 80 16.46 7.63 -6.95
N ALA A 81 16.70 7.79 -5.64
CA ALA A 81 17.13 6.69 -4.79
C ALA A 81 16.10 5.56 -4.79
N TYR A 82 16.60 4.35 -4.53
CA TYR A 82 15.77 3.14 -4.43
C TYR A 82 15.06 2.84 -5.75
N SER A 83 15.86 2.68 -6.79
CA SER A 83 15.36 2.42 -8.14
C SER A 83 16.05 1.19 -8.72
N PRO A 84 15.80 0.01 -8.16
CA PRO A 84 16.57 -1.19 -8.55
C PRO A 84 16.26 -1.71 -9.94
N VAL A 85 15.11 -1.38 -10.52
CA VAL A 85 14.76 -1.83 -11.87
C VAL A 85 15.06 -0.75 -12.89
N THR A 86 14.62 0.49 -12.62
CA THR A 86 14.76 1.55 -13.61
C THR A 86 16.20 1.99 -13.78
N GLY A 87 17.00 2.00 -12.70
CA GLY A 87 18.39 2.40 -12.79
C GLY A 87 19.16 1.61 -13.83
N PRO A 88 19.16 0.27 -13.70
CA PRO A 88 19.89 -0.54 -14.68
C PRO A 88 19.33 -0.49 -16.09
N ARG A 89 18.08 -0.05 -16.29
CA ARG A 89 17.46 -0.07 -17.61
C ARG A 89 17.39 1.31 -18.25
N GLN A 90 18.14 2.28 -17.71
CA GLN A 90 18.05 3.66 -18.18
C GLN A 90 18.29 3.78 -19.68
N ALA A 91 19.34 3.12 -20.19
CA ALA A 91 19.65 3.27 -21.61
C ALA A 91 18.61 2.62 -22.51
N GLU A 92 17.82 1.67 -22.01
CA GLU A 92 16.92 0.91 -22.89
C GLU A 92 15.47 1.36 -22.80
N GLY A 93 15.07 2.07 -21.75
CA GLY A 93 13.69 2.42 -21.55
C GLY A 93 12.86 1.26 -21.01
N MET A 94 11.63 1.56 -20.62
CA MET A 94 10.73 0.57 -20.06
C MET A 94 9.30 0.87 -20.50
N THR A 95 8.52 -0.17 -20.77
CA THR A 95 7.12 0.07 -21.09
C THR A 95 6.35 0.48 -19.84
N LEU A 96 5.18 1.07 -20.07
CA LEU A 96 4.30 1.43 -18.97
C LEU A 96 4.01 0.22 -18.09
N GLU A 97 3.79 -0.94 -18.70
CA GLU A 97 3.55 -2.16 -17.93
C GLU A 97 4.73 -2.48 -17.05
N GLN A 98 5.94 -2.41 -17.60
CA GLN A 98 7.14 -2.67 -16.82
C GLN A 98 7.26 -1.70 -15.67
N LEU A 99 6.90 -0.44 -15.88
CA LEU A 99 7.01 0.56 -14.83
C LEU A 99 5.98 0.33 -13.74
N CYS A 100 4.76 -0.04 -14.12
CA CYS A 100 3.76 -0.41 -13.12
C CYS A 100 4.27 -1.56 -12.25
N GLU A 101 4.82 -2.59 -12.89
CA GLU A 101 5.33 -3.74 -12.16
C GLU A 101 6.48 -3.35 -11.26
N ALA A 102 7.42 -2.54 -11.76
CA ALA A 102 8.55 -2.14 -10.93
C ALA A 102 8.11 -1.30 -9.74
N ALA A 103 7.13 -0.43 -9.95
CA ALA A 103 6.65 0.42 -8.87
C ALA A 103 5.99 -0.39 -7.75
N VAL A 104 5.20 -1.39 -8.13
CA VAL A 104 4.40 -2.15 -7.15
C VAL A 104 5.20 -3.30 -6.55
N THR A 105 5.86 -4.10 -7.39
N THR A 105 5.85 -4.11 -7.40
CA THR A 105 6.53 -5.29 -6.88
CA THR A 105 6.54 -5.29 -6.90
C THR A 105 7.87 -4.98 -6.22
C THR A 105 7.84 -4.94 -6.19
N ARG A 106 8.59 -3.98 -6.73
CA ARG A 106 9.89 -3.63 -6.21
C ARG A 106 9.95 -2.29 -5.50
N SER A 107 8.83 -1.55 -5.43
CA SER A 107 8.80 -0.22 -4.82
C SER A 107 9.79 0.73 -5.47
N ASP A 108 10.01 0.56 -6.77
CA ASP A 108 10.98 1.38 -7.50
C ASP A 108 10.51 2.83 -7.52
N ASN A 109 11.35 3.73 -7.01
CA ASN A 109 10.94 5.13 -6.86
C ASN A 109 10.90 5.88 -8.17
N THR A 110 11.88 5.66 -9.06
CA THR A 110 11.83 6.31 -10.36
C THR A 110 10.64 5.81 -11.16
N ALA A 111 10.32 4.51 -11.08
CA ALA A 111 9.12 4.01 -11.74
C ALA A 111 7.88 4.74 -11.24
N GLY A 112 7.76 4.90 -9.91
CA GLY A 112 6.66 5.67 -9.36
C GLY A 112 6.60 7.08 -9.92
N ASN A 113 7.75 7.73 -10.04
CA ASN A 113 7.77 9.09 -10.57
C ASN A 113 7.35 9.12 -12.04
N LEU A 114 7.75 8.12 -12.82
CA LEU A 114 7.37 8.12 -14.22
C LEU A 114 5.87 7.88 -14.39
N LEU A 115 5.29 7.04 -13.54
CA LEU A 115 3.84 6.90 -13.55
C LEU A 115 3.17 8.22 -13.21
N LEU A 116 3.67 8.93 -12.20
CA LEU A 116 3.12 10.24 -11.86
C LEU A 116 3.20 11.20 -13.05
N SER A 117 4.34 11.21 -13.73
CA SER A 117 4.48 12.10 -14.89
C SER A 117 3.44 11.76 -15.95
N THR A 118 3.16 10.47 -16.15
CA THR A 118 2.12 10.08 -17.10
C THR A 118 0.75 10.63 -16.69
N LEU A 119 0.48 10.70 -15.39
CA LEU A 119 -0.79 11.22 -14.89
C LEU A 119 -0.83 12.74 -14.80
N GLY A 120 0.25 13.42 -15.17
CA GLY A 120 0.28 14.86 -15.08
C GLY A 120 0.87 15.41 -13.80
N GLY A 121 1.41 14.54 -12.94
CA GLY A 121 1.99 14.98 -11.70
C GLY A 121 1.15 14.58 -10.50
N PRO A 122 1.59 14.96 -9.29
CA PRO A 122 0.85 14.62 -8.06
C PRO A 122 -0.62 15.04 -8.11
N PRO A 123 -0.99 16.20 -8.69
CA PRO A 123 -2.43 16.52 -8.78
C PRO A 123 -3.25 15.47 -9.51
N GLY A 124 -2.65 14.79 -10.50
CA GLY A 124 -3.37 13.74 -11.21
C GLY A 124 -3.65 12.55 -10.31
N LEU A 125 -2.72 12.25 -9.41
N LEU A 125 -2.73 12.24 -9.39
CA LEU A 125 -2.93 11.17 -8.44
CA LEU A 125 -2.99 11.14 -8.46
C LEU A 125 -4.08 11.52 -7.50
C LEU A 125 -4.08 11.49 -7.46
N THR A 126 -4.07 12.74 -6.95
CA THR A 126 -5.14 13.17 -6.06
C THR A 126 -6.49 13.12 -6.77
N ALA A 127 -6.54 13.61 -8.01
CA ALA A 127 -7.78 13.59 -8.77
C ALA A 127 -8.28 12.16 -8.99
N TYR A 128 -7.35 11.23 -9.25
CA TYR A 128 -7.74 9.82 -9.39
C TYR A 128 -8.37 9.31 -8.10
N ALA A 129 -7.73 9.60 -6.97
CA ALA A 129 -8.28 9.17 -5.68
C ALA A 129 -9.69 9.70 -5.46
N ARG A 130 -9.93 10.97 -5.77
CA ARG A 130 -11.27 11.54 -5.63
C ARG A 130 -12.28 10.78 -6.50
N GLY A 131 -11.87 10.38 -7.70
CA GLY A 131 -12.74 9.59 -8.55
C GLY A 131 -13.07 8.22 -7.99
N LEU A 132 -12.23 7.69 -7.10
CA LEU A 132 -12.53 6.43 -6.44
C LEU A 132 -13.41 6.60 -5.22
N GLY A 133 -13.80 7.83 -4.90
CA GLY A 133 -14.58 8.09 -3.70
C GLY A 133 -13.74 8.35 -2.47
N ASP A 134 -12.44 8.59 -2.63
CA ASP A 134 -11.53 8.88 -1.54
C ASP A 134 -11.35 10.40 -1.49
N ARG A 135 -11.91 11.03 -0.45
CA ARG A 135 -11.82 12.47 -0.28
C ARG A 135 -10.69 12.91 0.63
N MET A 136 -9.88 11.99 1.15
CA MET A 136 -8.83 12.31 2.10
C MET A 136 -7.43 12.31 1.48
N THR A 137 -7.11 11.32 0.65
CA THR A 137 -5.75 11.16 0.17
C THR A 137 -5.35 12.35 -0.69
N ARG A 138 -4.14 12.86 -0.46
CA ARG A 138 -3.61 13.92 -1.30
C ARG A 138 -2.15 13.64 -1.55
N LEU A 139 -1.72 13.71 -2.80
CA LEU A 139 -0.32 13.68 -3.14
C LEU A 139 0.08 15.08 -3.60
N ASP A 140 1.20 15.57 -3.08
CA ASP A 140 1.66 16.93 -3.34
C ASP A 140 3.06 16.99 -3.93
N ARG A 141 3.86 15.94 -3.73
CA ARG A 141 5.27 15.93 -4.11
C ARG A 141 5.57 14.59 -4.78
N ILE A 142 6.75 14.50 -5.40
CA ILE A 142 7.18 13.26 -6.03
C ILE A 142 8.26 12.61 -5.17
N GLU A 143 8.75 11.45 -5.60
CA GLU A 143 9.80 10.77 -4.86
C GLU A 143 11.14 11.48 -5.08
N THR A 144 11.95 11.57 -4.03
CA THR A 144 11.73 11.06 -2.68
C THR A 144 11.26 12.12 -1.69
N ALA A 145 11.00 13.33 -2.20
CA ALA A 145 10.53 14.43 -1.35
C ALA A 145 9.30 14.05 -0.55
N LEU A 146 8.41 13.23 -1.13
CA LEU A 146 7.16 12.88 -0.46
C LEU A 146 7.35 11.99 0.75
N ASN A 147 8.55 11.43 0.97
CA ASN A 147 8.83 10.58 2.12
C ASN A 147 9.23 11.35 3.37
N GLU A 148 9.21 12.68 3.33
CA GLU A 148 9.64 13.47 4.48
C GLU A 148 8.89 13.06 5.74
N ALA A 149 7.56 12.96 5.64
CA ALA A 149 6.72 12.40 6.70
C ALA A 149 6.78 13.23 7.98
N ARG A 150 6.86 14.55 7.84
CA ARG A 150 6.88 15.44 8.99
C ARG A 150 5.57 15.33 9.76
N PRO A 151 5.61 15.10 11.07
CA PRO A 151 4.36 15.09 11.85
C PRO A 151 3.63 16.42 11.74
N GLY A 152 2.31 16.35 11.58
CA GLY A 152 1.49 17.53 11.41
C GLY A 152 1.39 18.05 9.99
N ASP A 153 2.17 17.53 9.05
CA ASP A 153 2.14 17.99 7.67
C ASP A 153 1.10 17.19 6.91
N PRO A 154 0.06 17.81 6.35
CA PRO A 154 -0.94 17.05 5.60
C PRO A 154 -0.52 16.68 4.18
N ARG A 155 0.60 17.22 3.68
CA ARG A 155 1.04 16.84 2.34
C ARG A 155 1.34 15.34 2.28
N ASP A 156 0.95 14.72 1.16
CA ASP A 156 1.35 13.34 0.86
C ASP A 156 0.83 12.35 1.89
N THR A 157 -0.41 12.56 2.35
CA THR A 157 -1.01 11.73 3.39
C THR A 157 -2.26 11.02 2.89
N THR A 158 -2.61 9.96 3.60
CA THR A 158 -3.88 9.25 3.43
C THR A 158 -4.41 8.94 4.82
N THR A 159 -5.54 8.25 4.87
CA THR A 159 -5.95 7.67 6.15
C THR A 159 -6.03 6.16 5.98
N PRO A 160 -5.85 5.39 7.06
CA PRO A 160 -5.98 3.93 6.92
C PRO A 160 -7.30 3.51 6.32
N ALA A 161 -8.40 4.15 6.74
CA ALA A 161 -9.71 3.79 6.22
C ALA A 161 -9.86 4.17 4.75
N ALA A 162 -9.36 5.35 4.37
CA ALA A 162 -9.48 5.75 2.97
C ALA A 162 -8.72 4.78 2.07
N MET A 163 -7.52 4.39 2.47
CA MET A 163 -6.74 3.48 1.65
C MET A 163 -7.35 2.08 1.61
N ALA A 164 -7.98 1.65 2.71
CA ALA A 164 -8.68 0.38 2.66
C ALA A 164 -9.84 0.44 1.68
N GLY A 165 -10.53 1.58 1.63
CA GLY A 165 -11.58 1.75 0.63
C GLY A 165 -11.05 1.68 -0.80
N ASN A 166 -9.87 2.26 -1.04
CA ASN A 166 -9.28 2.17 -2.37
C ASN A 166 -8.90 0.73 -2.73
N LEU A 167 -8.37 -0.03 -1.76
CA LEU A 167 -8.05 -1.43 -2.01
C LEU A 167 -9.30 -2.23 -2.42
N GLN A 168 -10.43 -1.99 -1.75
N GLN A 168 -10.43 -1.97 -1.77
CA GLN A 168 -11.66 -2.67 -2.12
CA GLN A 168 -11.66 -2.68 -2.12
C GLN A 168 -12.06 -2.34 -3.55
C GLN A 168 -12.11 -2.34 -3.54
N ARG A 169 -12.09 -1.05 -3.89
CA ARG A 169 -12.51 -0.64 -5.24
C ARG A 169 -11.62 -1.26 -6.31
N LEU A 170 -10.30 -1.26 -6.07
CA LEU A 170 -9.34 -1.66 -7.10
C LEU A 170 -9.26 -3.17 -7.25
N LEU A 171 -9.27 -3.90 -6.14
CA LEU A 171 -9.01 -5.33 -6.20
C LEU A 171 -10.27 -6.18 -6.14
N LEU A 172 -11.34 -5.67 -5.56
CA LEU A 172 -12.58 -6.43 -5.41
C LEU A 172 -13.76 -5.82 -6.12
N GLY A 173 -13.75 -4.53 -6.41
CA GLY A 173 -14.83 -3.83 -7.09
C GLY A 173 -14.54 -3.63 -8.57
N ASP A 174 -15.17 -2.60 -9.15
CA ASP A 174 -15.23 -2.40 -10.59
C ASP A 174 -14.36 -1.24 -11.09
N ALA A 175 -13.39 -0.79 -10.30
CA ALA A 175 -12.55 0.33 -10.75
C ALA A 175 -11.72 -0.07 -11.97
N LEU A 176 -11.35 -1.34 -12.08
CA LEU A 176 -10.53 -1.83 -13.18
C LEU A 176 -11.24 -2.99 -13.89
N GLN A 177 -10.92 -3.15 -15.17
CA GLN A 177 -11.38 -4.31 -15.91
C GLN A 177 -10.65 -5.57 -15.42
N SER A 178 -11.15 -6.73 -15.87
CA SER A 178 -10.73 -8.00 -15.28
C SER A 178 -9.23 -8.22 -15.40
N ALA A 179 -8.68 -8.05 -16.61
CA ALA A 179 -7.26 -8.32 -16.80
C ALA A 179 -6.38 -7.36 -16.00
N SER A 180 -6.82 -6.09 -15.88
CA SER A 180 -6.03 -5.12 -15.12
C SER A 180 -6.09 -5.43 -13.63
N ARG A 181 -7.26 -5.80 -13.12
CA ARG A 181 -7.40 -6.19 -11.72
C ARG A 181 -6.48 -7.36 -11.39
N GLN A 182 -6.42 -8.35 -12.27
CA GLN A 182 -5.56 -9.51 -12.03
C GLN A 182 -4.09 -9.12 -12.06
N ARG A 183 -3.68 -8.28 -13.01
CA ARG A 183 -2.29 -7.86 -13.06
C ARG A 183 -1.87 -7.15 -11.78
N LEU A 184 -2.71 -6.22 -11.30
CA LEU A 184 -2.39 -5.53 -10.06
C LEU A 184 -2.30 -6.51 -8.88
N ALA A 185 -3.21 -7.48 -8.82
CA ALA A 185 -3.13 -8.50 -7.77
C ALA A 185 -1.85 -9.32 -7.89
N ASP A 186 -1.49 -9.72 -9.11
CA ASP A 186 -0.23 -10.45 -9.33
C ASP A 186 0.95 -9.67 -8.81
N TRP A 187 1.01 -8.36 -9.12
CA TRP A 187 2.17 -7.56 -8.72
C TRP A 187 2.24 -7.44 -7.21
N LEU A 188 1.08 -7.35 -6.55
CA LEU A 188 1.06 -7.28 -5.10
C LEU A 188 1.49 -8.60 -4.48
N LEU A 189 1.03 -9.73 -5.03
CA LEU A 189 1.45 -11.03 -4.51
C LEU A 189 2.94 -11.26 -4.71
N ALA A 190 3.50 -10.75 -5.80
CA ALA A 190 4.90 -11.00 -6.13
C ALA A 190 5.87 -10.14 -5.33
N SER A 191 5.39 -9.09 -4.65
N SER A 191 5.39 -9.09 -4.68
CA SER A 191 6.29 -8.22 -3.92
CA SER A 191 6.29 -8.22 -3.93
C SER A 191 6.83 -8.91 -2.68
C SER A 191 6.92 -8.98 -2.77
N GLN A 192 8.11 -8.69 -2.41
N GLN A 192 8.25 -9.07 -2.77
CA GLN A 192 8.81 -9.26 -1.27
CA GLN A 192 8.98 -9.61 -1.64
C GLN A 192 9.36 -8.20 -0.32
C GLN A 192 9.46 -8.53 -0.69
N THR A 193 9.19 -6.92 -0.65
N THR A 193 9.24 -7.27 -1.01
CA THR A 193 9.67 -5.84 0.21
CA THR A 193 9.24 -6.25 0.03
C THR A 193 9.08 -5.90 1.61
C THR A 193 8.11 -6.56 0.98
N GLY A 194 7.99 -6.65 1.81
N GLY A 194 8.36 -6.36 2.27
CA GLY A 194 7.35 -6.71 3.11
CA GLY A 194 7.37 -6.65 3.28
C GLY A 194 7.38 -8.06 3.79
C GLY A 194 7.41 -8.05 3.86
N ASP A 195 8.39 -8.87 3.47
CA ASP A 195 8.46 -10.24 3.98
C ASP A 195 8.55 -10.29 5.51
N THR A 196 9.08 -9.24 6.15
CA THR A 196 9.21 -9.20 7.60
C THR A 196 8.19 -8.27 8.26
N ARG A 197 7.20 -7.80 7.51
CA ARG A 197 6.16 -6.92 8.05
C ARG A 197 4.87 -7.71 8.26
N LEU A 198 3.74 -7.28 7.67
CA LEU A 198 2.47 -7.98 7.96
C LEU A 198 2.60 -9.48 7.71
N ARG A 199 3.28 -9.86 6.63
CA ARG A 199 3.45 -11.27 6.26
C ARG A 199 4.02 -12.08 7.41
N ALA A 200 4.95 -11.50 8.18
CA ALA A 200 5.63 -12.26 9.23
C ALA A 200 4.69 -12.65 10.37
N GLY A 201 3.57 -11.96 10.55
CA GLY A 201 2.62 -12.30 11.58
C GLY A 201 1.47 -13.17 11.12
N LEU A 202 1.34 -13.43 9.80
CA LEU A 202 0.25 -14.24 9.28
C LEU A 202 0.62 -15.71 9.34
N PRO A 203 -0.39 -16.58 9.51
CA PRO A 203 -0.13 -18.02 9.41
C PRO A 203 0.50 -18.35 8.06
N ALA A 204 1.40 -19.34 8.08
CA ALA A 204 2.17 -19.70 6.88
C ALA A 204 1.28 -20.25 5.77
N GLY A 205 0.07 -20.73 6.11
CA GLY A 205 -0.86 -21.20 5.10
C GLY A 205 -1.70 -20.15 4.44
N TRP A 206 -1.55 -18.89 4.83
CA TRP A 206 -2.28 -17.78 4.24
C TRP A 206 -1.37 -17.03 3.28
N ARG A 207 -1.98 -16.24 2.40
CA ARG A 207 -1.28 -15.45 1.39
C ARG A 207 -1.61 -13.97 1.53
N ILE A 208 -0.70 -13.12 1.10
CA ILE A 208 -0.90 -11.68 1.17
C ILE A 208 -0.28 -10.99 -0.04
N GLY A 209 -1.05 -10.12 -0.68
CA GLY A 209 -0.52 -9.23 -1.70
C GLY A 209 -0.48 -7.84 -1.12
N ASP A 210 0.72 -7.25 -1.00
CA ASP A 210 0.86 -6.03 -0.23
C ASP A 210 1.79 -5.04 -0.91
N LYS A 211 1.59 -3.77 -0.56
CA LYS A 211 2.45 -2.67 -0.99
C LYS A 211 2.98 -2.01 0.28
N THR A 212 4.29 -2.03 0.44
CA THR A 212 4.98 -1.44 1.57
C THR A 212 5.26 0.04 1.34
N GLY A 213 5.70 0.70 2.41
CA GLY A 213 6.28 2.03 2.31
C GLY A 213 7.16 2.29 3.51
N ALA A 214 8.08 3.25 3.34
CA ALA A 214 8.98 3.66 4.41
C ALA A 214 9.44 5.08 4.17
N GLY A 215 9.66 5.81 5.25
CA GLY A 215 10.00 7.21 5.12
C GLY A 215 10.62 7.77 6.39
N GLY A 216 10.68 9.09 6.43
CA GLY A 216 11.28 9.77 7.56
C GLY A 216 10.43 9.67 8.81
N HIS A 217 11.03 10.10 9.92
CA HIS A 217 10.37 10.11 11.23
C HIS A 217 9.87 8.71 11.61
N GLY A 218 10.64 7.69 11.25
CA GLY A 218 10.26 6.33 11.61
C GLY A 218 8.93 5.90 11.02
N THR A 219 8.70 6.19 9.75
CA THR A 219 7.46 5.84 9.07
C THR A 219 7.65 4.51 8.33
N ASN A 220 6.69 3.60 8.51
CA ASN A 220 6.78 2.26 7.96
C ASN A 220 5.36 1.75 7.77
N ASN A 221 4.99 1.42 6.53
CA ASN A 221 3.61 1.13 6.18
C ASN A 221 3.51 -0.19 5.41
N ASP A 222 2.34 -0.80 5.46
CA ASP A 222 2.07 -2.03 4.72
C ASP A 222 0.57 -2.13 4.51
N ILE A 223 0.12 -2.18 3.25
CA ILE A 223 -1.31 -2.26 2.92
C ILE A 223 -1.50 -3.37 1.91
N GLY A 224 -2.69 -3.98 1.91
CA GLY A 224 -2.95 -4.94 0.85
C GLY A 224 -4.15 -5.81 1.17
N VAL A 225 -4.13 -7.00 0.58
CA VAL A 225 -5.23 -7.95 0.66
C VAL A 225 -4.69 -9.28 1.15
N ILE A 226 -5.32 -9.82 2.18
CA ILE A 226 -4.98 -11.13 2.72
C ILE A 226 -5.93 -12.14 2.12
N TRP A 227 -5.40 -13.26 1.65
CA TRP A 227 -6.22 -14.38 1.19
C TRP A 227 -6.04 -15.52 2.18
N PRO A 228 -6.93 -15.68 3.16
CA PRO A 228 -6.73 -16.74 4.16
C PRO A 228 -6.90 -18.12 3.55
N ARG A 229 -6.46 -19.12 4.32
CA ARG A 229 -6.57 -20.51 3.89
C ARG A 229 -8.01 -20.86 3.52
N ASP A 230 -8.94 -20.44 4.36
CA ASP A 230 -10.36 -20.64 4.10
C ASP A 230 -11.06 -19.30 4.11
N GLY A 231 -11.89 -19.06 3.12
CA GLY A 231 -12.76 -17.91 3.14
C GLY A 231 -12.29 -16.80 2.23
N ALA A 232 -12.98 -15.68 2.36
CA ALA A 232 -12.93 -14.57 1.41
C ALA A 232 -11.76 -13.64 1.74
N PRO A 233 -11.42 -12.74 0.81
CA PRO A 233 -10.30 -11.81 1.06
C PRO A 233 -10.57 -10.85 2.18
N VAL A 234 -9.48 -10.36 2.77
CA VAL A 234 -9.50 -9.41 3.88
C VAL A 234 -8.63 -8.21 3.48
N LEU A 235 -9.20 -7.02 3.56
CA LEU A 235 -8.44 -5.81 3.30
C LEU A 235 -7.75 -5.34 4.57
N ILE A 236 -6.49 -4.95 4.43
CA ILE A 236 -5.69 -4.49 5.57
C ILE A 236 -4.88 -3.26 5.17
N SER A 237 -4.96 -2.21 5.98
N SER A 237 -4.87 -2.27 6.06
CA SER A 237 -4.13 -1.04 5.77
CA SER A 237 -4.19 -1.00 5.81
C SER A 237 -3.49 -0.69 7.11
C SER A 237 -3.50 -0.62 7.11
N ALA A 238 -2.16 -0.67 7.14
CA ALA A 238 -1.39 -0.46 8.36
C ALA A 238 -0.34 0.62 8.14
N TYR A 239 -0.39 1.67 8.94
CA TYR A 239 0.50 2.81 8.86
C TYR A 239 1.11 3.04 10.22
N LEU A 240 2.43 3.12 10.29
CA LEU A 240 3.17 3.35 11.52
C LEU A 240 4.09 4.54 11.33
N THR A 241 4.12 5.46 12.30
CA THR A 241 5.03 6.60 12.22
C THR A 241 5.45 7.01 13.62
N GLN A 242 6.44 7.91 13.68
CA GLN A 242 6.97 8.43 14.94
C GLN A 242 7.64 7.35 15.78
N SER A 243 8.32 6.40 15.13
CA SER A 243 9.10 5.38 15.82
C SER A 243 10.53 5.84 15.97
N SER A 244 11.07 5.71 17.18
CA SER A 244 12.45 6.05 17.45
C SER A 244 13.38 4.84 17.32
N ALA A 245 12.88 3.73 16.82
CA ALA A 245 13.58 2.46 16.79
C ALA A 245 14.08 2.13 15.38
N SER A 246 14.79 1.02 15.27
CA SER A 246 15.36 0.60 14.00
C SER A 246 14.26 0.12 13.05
N ARG A 247 14.61 0.01 11.78
CA ARG A 247 13.67 -0.56 10.80
C ARG A 247 13.28 -1.98 11.19
N GLU A 248 14.25 -2.76 11.66
CA GLU A 248 13.97 -4.12 12.11
C GLU A 248 12.88 -4.14 13.18
N ALA A 249 13.01 -3.24 14.17
CA ALA A 249 12.02 -3.17 15.24
C ALA A 249 10.67 -2.69 14.71
N GLN A 250 10.68 -1.73 13.78
CA GLN A 250 9.43 -1.28 13.18
C GLN A 250 8.75 -2.40 12.41
N ASN A 251 9.52 -3.18 11.66
CA ASN A 251 8.94 -4.29 10.91
C ASN A 251 8.27 -5.28 11.86
N ALA A 252 8.86 -5.49 13.03
CA ALA A 252 8.28 -6.39 14.03
C ALA A 252 6.96 -5.88 14.57
N VAL A 253 6.81 -4.56 14.70
CA VAL A 253 5.51 -4.01 15.10
C VAL A 253 4.46 -4.33 14.04
N LEU A 254 4.80 -4.11 12.77
CA LEU A 254 3.85 -4.44 11.71
C LEU A 254 3.55 -5.94 11.66
N ALA A 255 4.54 -6.77 11.97
CA ALA A 255 4.29 -8.21 12.04
C ALA A 255 3.28 -8.53 13.13
N GLU A 256 3.32 -7.79 14.24
CA GLU A 256 2.34 -8.01 15.30
C GLU A 256 0.96 -7.53 14.88
N VAL A 257 0.88 -6.45 14.08
CA VAL A 257 -0.42 -6.09 13.50
C VAL A 257 -0.97 -7.23 12.67
N GLY A 258 -0.10 -7.88 11.89
CA GLY A 258 -0.54 -9.02 11.11
C GLY A 258 -1.06 -10.16 11.96
N ARG A 259 -0.39 -10.46 13.08
CA ARG A 259 -0.87 -11.51 13.98
C ARG A 259 -2.22 -11.14 14.57
N ILE A 260 -2.37 -9.89 15.01
CA ILE A 260 -3.64 -9.42 15.56
C ILE A 260 -4.75 -9.59 14.54
N ALA A 261 -4.49 -9.17 13.30
CA ALA A 261 -5.50 -9.27 12.26
C ALA A 261 -5.83 -10.72 11.96
N ALA A 262 -4.81 -11.57 11.86
CA ALA A 262 -5.04 -12.98 11.56
C ALA A 262 -5.87 -13.65 12.65
N HIS A 263 -5.59 -13.34 13.92
CA HIS A 263 -6.37 -13.96 14.99
C HIS A 263 -7.84 -13.54 14.92
N ALA A 264 -8.10 -12.26 14.63
CA ALA A 264 -9.49 -11.83 14.53
C ALA A 264 -10.18 -12.51 13.35
N VAL A 265 -9.52 -12.56 12.20
CA VAL A 265 -10.11 -13.23 11.04
C VAL A 265 -10.36 -14.70 11.35
N ALA A 266 -9.40 -15.36 11.99
CA ALA A 266 -9.58 -16.76 12.36
C ALA A 266 -10.80 -16.94 13.25
N ALA A 267 -11.02 -16.01 14.19
CA ALA A 267 -12.19 -16.11 15.06
C ALA A 267 -13.47 -15.85 14.27
N TRP A 268 -13.42 -14.93 13.30
CA TRP A 268 -14.57 -14.72 12.43
C TRP A 268 -14.85 -15.95 11.56
N ARG A 269 -13.80 -16.67 11.16
CA ARG A 269 -14.00 -17.90 10.40
C ARG A 269 -14.56 -19.01 11.27
N LEU A 270 -14.22 -19.03 12.56
CA LEU A 270 -14.68 -20.06 13.47
C LEU A 270 -16.03 -19.75 14.10
N GLY A 271 -16.45 -18.50 14.08
CA GLY A 271 -17.68 -18.10 14.74
C GLY A 271 -17.58 -18.16 16.26
C1 MLA B . 9.27 0.03 0.88
O1A MLA B . 9.13 -0.13 2.13
O1B MLA B . 8.38 0.12 0.02
C2 MLA B . 10.70 0.15 0.34
C3 MLA B . 11.76 -0.16 1.43
O3A MLA B . 12.41 0.83 1.86
O3B MLA B . 11.88 -1.34 1.79
O1 TEM C . 12.80 6.07 -0.61
C2 TEM C . 12.77 5.91 0.79
C3 TEM C . 12.41 4.48 1.20
N4 TEM C . 11.17 4.06 0.60
C5 TEM C . 11.04 3.73 -0.68
C6 TEM C . 9.89 3.40 -1.34
C7 TEM C . 8.66 3.36 -0.63
O8 TEM C . 8.35 3.94 0.40
C9 TEM C . 14.07 6.38 1.44
C10 TEM C . 14.32 7.83 1.15
O11 TEM C . 13.45 8.68 1.19
C1 MLA D . 5.10 -6.76 20.20
O1A MLA D . 4.21 -7.56 20.54
O1B MLA D . 5.48 -5.75 20.85
C2 MLA D . 5.80 -6.99 18.85
C3 MLA D . 7.22 -6.38 18.78
O3A MLA D . 7.33 -5.35 18.08
O3B MLA D . 8.13 -6.95 19.40
CL CL E . -11.26 -3.46 -10.19
#